data_2CF5
#
_entry.id   2CF5
#
_cell.length_a   54.220
_cell.length_b   54.220
_cell.length_c   312.990
_cell.angle_alpha   90.00
_cell.angle_beta   90.00
_cell.angle_gamma   90.00
#
_symmetry.space_group_name_H-M   'P 41 21 2'
#
loop_
_entity.id
_entity.type
_entity.pdbx_description
1 polymer 'CINNAMYL ALCOHOL DEHYDROGENASE'
2 non-polymer 'ZINC ION'
3 water water
#
_entity_poly.entity_id   1
_entity_poly.type   'polypeptide(L)'
_entity_poly.pdbx_seq_one_letter_code
;MGIMEAERKTTGWAARDPSGILSPYTYTLRETGPEDVNIRIICCGICHTDLHQTKNDLGMSNYPMVPGHEVVGEVVEVGS
DVSKFTVGDIVGVGCLVGCCGGCSPCERDLEQYCPKKIWSYNDVYINGQPTQGGFAKATVVHQKFVVKIPEGMAVEQAAP
LLCAGVTVYSPLSHFGLKQPGLRGGILGLGGVGHMGVKIAKAMGHHVTVISSSNKKREEALQDLGADDYVIGSDQAKMSE
LADSLDYVIDTVPVHHALEPYLSLLKLDGKLILMGVINNPLQFLTPLLMLGRKVITGSFIGSMKETEEMLEFCKEKGLSS
IIEVVKMDYVNTAFERLEKNDVRYRFVVDVEGSNLDA
;
_entity_poly.pdbx_strand_id   A
#
# COMPACT_ATOMS: atom_id res chain seq x y z
N ALA A 6 -3.35 -29.39 6.90
CA ALA A 6 -2.82 -28.64 8.02
C ALA A 6 -3.71 -28.69 9.25
N GLU A 7 -3.83 -27.52 9.90
CA GLU A 7 -4.66 -27.39 11.08
C GLU A 7 -5.86 -26.50 10.82
N ARG A 8 -6.96 -27.19 10.49
CA ARG A 8 -8.27 -26.62 10.24
C ARG A 8 -8.47 -25.81 8.97
N LYS A 9 -9.76 -25.58 8.71
CA LYS A 9 -10.26 -24.88 7.55
C LYS A 9 -10.82 -23.48 7.73
N THR A 10 -10.68 -22.71 6.65
CA THR A 10 -11.34 -21.41 6.55
C THR A 10 -12.04 -21.32 5.21
N THR A 11 -13.02 -20.44 5.25
CA THR A 11 -13.76 -20.02 4.09
C THR A 11 -13.48 -18.53 3.94
N GLY A 12 -13.32 -18.19 2.67
CA GLY A 12 -13.10 -16.85 2.22
C GLY A 12 -13.59 -16.73 0.80
N TRP A 13 -13.58 -15.54 0.18
CA TRP A 13 -14.12 -15.41 -1.16
C TRP A 13 -13.05 -15.34 -2.24
N ALA A 14 -13.02 -16.33 -3.13
CA ALA A 14 -12.01 -16.37 -4.17
C ALA A 14 -12.51 -16.09 -5.56
N ALA A 15 -11.52 -15.65 -6.33
CA ALA A 15 -11.63 -15.45 -7.76
C ALA A 15 -11.13 -16.74 -8.41
N ARG A 16 -11.75 -17.24 -9.49
CA ARG A 16 -11.24 -18.48 -10.05
C ARG A 16 -11.00 -18.53 -11.57
N ASP A 17 -11.15 -17.36 -12.21
CA ASP A 17 -10.81 -17.10 -13.61
C ASP A 17 -10.49 -15.63 -13.82
N PRO A 18 -9.95 -15.16 -14.95
CA PRO A 18 -9.80 -13.76 -15.26
C PRO A 18 -11.03 -12.86 -15.23
N SER A 19 -12.25 -13.39 -14.99
CA SER A 19 -13.42 -12.52 -14.82
C SER A 19 -13.42 -11.85 -13.43
N GLY A 20 -12.65 -12.44 -12.50
CA GLY A 20 -12.41 -11.87 -11.18
C GLY A 20 -13.59 -11.78 -10.24
N ILE A 21 -14.69 -12.43 -10.61
CA ILE A 21 -15.86 -12.50 -9.76
C ILE A 21 -15.57 -13.39 -8.55
N LEU A 22 -15.78 -12.82 -7.36
CA LEU A 22 -15.57 -13.50 -6.07
C LEU A 22 -16.81 -14.21 -5.54
N SER A 23 -16.61 -15.48 -5.14
CA SER A 23 -17.63 -16.37 -4.60
C SER A 23 -16.94 -17.20 -3.54
N PRO A 24 -17.60 -17.72 -2.47
CA PRO A 24 -16.93 -18.43 -1.38
C PRO A 24 -16.13 -19.63 -1.83
N TYR A 25 -15.03 -19.80 -1.12
CA TYR A 25 -14.04 -20.83 -1.37
C TYR A 25 -13.50 -21.26 -0.02
N THR A 26 -13.50 -22.58 0.18
CA THR A 26 -13.00 -23.14 1.43
C THR A 26 -11.68 -23.83 1.15
N TYR A 27 -10.80 -23.66 2.14
CA TYR A 27 -9.45 -24.14 2.03
C TYR A 27 -8.86 -24.43 3.41
N THR A 28 -7.68 -25.10 3.44
CA THR A 28 -6.99 -25.49 4.67
C THR A 28 -5.82 -24.55 4.98
N LEU A 29 -5.77 -24.03 6.22
CA LEU A 29 -4.64 -23.22 6.66
C LEU A 29 -3.59 -24.16 7.24
N ARG A 30 -2.36 -23.65 7.33
CA ARG A 30 -1.29 -24.43 7.88
C ARG A 30 -1.39 -24.46 9.41
N GLU A 31 -0.60 -25.41 9.89
CA GLU A 31 -0.43 -25.64 11.31
C GLU A 31 0.46 -24.49 11.76
N THR A 32 0.08 -23.90 12.88
CA THR A 32 0.87 -22.82 13.43
C THR A 32 2.18 -23.43 13.88
N GLY A 33 3.16 -23.19 12.99
CA GLY A 33 4.55 -23.60 13.17
C GLY A 33 5.24 -22.77 14.23
N PRO A 34 6.49 -23.03 14.63
CA PRO A 34 7.15 -22.33 15.74
C PRO A 34 7.24 -20.80 15.64
N GLU A 35 7.43 -20.28 14.43
CA GLU A 35 7.55 -18.85 14.22
C GLU A 35 6.26 -18.19 13.77
N ASP A 36 5.24 -18.99 13.43
CA ASP A 36 3.97 -18.50 12.92
C ASP A 36 3.02 -17.89 13.94
N VAL A 37 2.10 -17.08 13.41
CA VAL A 37 1.10 -16.38 14.19
C VAL A 37 -0.25 -16.61 13.48
N ASN A 38 -1.28 -17.10 14.19
CA ASN A 38 -2.61 -17.35 13.62
C ASN A 38 -3.57 -16.24 14.02
N ILE A 39 -4.17 -15.69 12.97
CA ILE A 39 -4.93 -14.44 13.09
C ILE A 39 -6.39 -14.62 12.68
N ARG A 40 -7.28 -13.99 13.45
CA ARG A 40 -8.68 -13.96 13.14
C ARG A 40 -8.99 -12.56 12.60
N ILE A 41 -9.10 -12.51 11.27
CA ILE A 41 -9.31 -11.32 10.49
C ILE A 41 -10.60 -10.55 10.82
N ILE A 42 -10.48 -9.30 11.28
CA ILE A 42 -11.59 -8.40 11.61
C ILE A 42 -12.09 -7.64 10.39
N CYS A 43 -11.14 -7.01 9.70
CA CYS A 43 -11.41 -6.32 8.44
C CYS A 43 -10.21 -6.35 7.52
N CYS A 44 -10.53 -6.19 6.21
CA CYS A 44 -9.54 -6.17 5.16
C CYS A 44 -9.87 -5.06 4.16
N GLY A 45 -8.83 -4.32 3.77
CA GLY A 45 -8.97 -3.24 2.80
C GLY A 45 -8.82 -3.71 1.37
N ILE A 46 -9.53 -2.92 0.55
CA ILE A 46 -9.52 -3.10 -0.89
C ILE A 46 -8.74 -1.93 -1.50
N CYS A 47 -7.94 -2.28 -2.51
CA CYS A 47 -7.21 -1.35 -3.35
C CYS A 47 -6.95 -2.07 -4.65
N HIS A 48 -6.64 -1.27 -5.66
CA HIS A 48 -6.39 -1.74 -7.03
C HIS A 48 -5.51 -2.95 -7.24
N THR A 49 -4.57 -3.34 -6.38
CA THR A 49 -3.79 -4.56 -6.59
C THR A 49 -4.75 -5.73 -6.67
N ASP A 50 -5.67 -5.73 -5.71
CA ASP A 50 -6.74 -6.71 -5.60
C ASP A 50 -7.56 -6.69 -6.86
N LEU A 51 -7.82 -5.53 -7.45
CA LEU A 51 -8.56 -5.42 -8.69
C LEU A 51 -7.76 -5.94 -9.88
N HIS A 52 -6.42 -5.83 -9.82
CA HIS A 52 -5.55 -6.28 -10.90
C HIS A 52 -5.26 -7.76 -10.93
N GLN A 53 -4.83 -8.36 -9.81
CA GLN A 53 -4.56 -9.79 -9.72
C GLN A 53 -5.84 -10.62 -9.97
N THR A 54 -6.98 -10.13 -9.45
CA THR A 54 -8.33 -10.69 -9.59
C THR A 54 -8.67 -11.01 -11.03
N LYS A 55 -8.65 -9.95 -11.84
CA LYS A 55 -9.00 -10.01 -13.24
C LYS A 55 -7.83 -10.39 -14.12
N ASN A 56 -6.76 -10.90 -13.49
CA ASN A 56 -5.49 -11.31 -14.07
C ASN A 56 -4.66 -10.10 -14.49
N ASP A 57 -5.05 -9.34 -15.52
CA ASP A 57 -4.40 -8.12 -16.02
C ASP A 57 -2.91 -8.21 -16.29
N LEU A 58 -2.10 -8.35 -15.25
CA LEU A 58 -0.66 -8.50 -15.39
C LEU A 58 -0.23 -9.84 -16.00
N GLY A 59 -1.19 -10.62 -16.50
CA GLY A 59 -0.99 -11.89 -17.18
C GLY A 59 -0.44 -13.03 -16.33
N MET A 60 -0.44 -12.90 -15.00
CA MET A 60 0.17 -13.91 -14.15
C MET A 60 -0.62 -14.41 -12.93
N SER A 61 -1.95 -14.42 -12.98
CA SER A 61 -2.74 -14.87 -11.85
C SER A 61 -2.98 -16.36 -11.80
N ASN A 62 -2.77 -16.87 -10.60
CA ASN A 62 -2.99 -18.26 -10.30
C ASN A 62 -4.20 -18.35 -9.40
N TYR A 63 -5.14 -19.13 -9.92
CA TYR A 63 -6.44 -19.37 -9.31
C TYR A 63 -6.65 -20.74 -8.62
N PRO A 64 -7.53 -20.94 -7.61
CA PRO A 64 -8.41 -19.93 -7.01
C PRO A 64 -7.66 -18.90 -6.17
N MET A 65 -8.13 -17.66 -6.27
CA MET A 65 -7.42 -16.58 -5.65
C MET A 65 -8.25 -15.73 -4.72
N VAL A 66 -7.89 -15.78 -3.44
CA VAL A 66 -8.48 -14.95 -2.39
C VAL A 66 -7.62 -13.69 -2.27
N PRO A 67 -8.15 -12.52 -2.65
CA PRO A 67 -7.45 -11.25 -2.53
C PRO A 67 -7.35 -10.75 -1.09
N GLY A 68 -7.03 -9.45 -0.93
CA GLY A 68 -6.92 -8.78 0.36
C GLY A 68 -5.51 -8.81 0.92
N HIS A 69 -4.84 -7.65 1.00
CA HIS A 69 -3.48 -7.57 1.53
C HIS A 69 -3.24 -6.43 2.52
N GLU A 70 -4.35 -5.87 2.99
CA GLU A 70 -4.42 -4.78 3.93
C GLU A 70 -5.15 -5.34 5.14
N VAL A 71 -4.55 -6.38 5.74
CA VAL A 71 -5.21 -7.17 6.78
C VAL A 71 -5.05 -6.73 8.21
N VAL A 72 -6.15 -6.61 8.96
CA VAL A 72 -6.08 -6.43 10.41
C VAL A 72 -7.10 -7.35 11.11
N GLY A 73 -6.53 -8.10 12.05
CA GLY A 73 -7.28 -9.06 12.82
C GLY A 73 -6.73 -9.27 14.22
N GLU A 74 -7.00 -10.47 14.78
CA GLU A 74 -6.65 -10.85 16.16
C GLU A 74 -5.81 -12.10 16.29
N VAL A 75 -4.73 -12.06 17.08
CA VAL A 75 -3.93 -13.28 17.23
C VAL A 75 -4.71 -14.19 18.16
N VAL A 76 -5.13 -15.30 17.57
CA VAL A 76 -5.86 -16.28 18.32
C VAL A 76 -4.93 -17.39 18.79
N GLU A 77 -3.83 -17.57 18.10
CA GLU A 77 -2.87 -18.61 18.42
C GLU A 77 -1.49 -18.14 17.99
N VAL A 78 -0.46 -18.48 18.75
CA VAL A 78 0.88 -18.08 18.39
C VAL A 78 1.87 -19.22 18.51
N GLY A 79 2.68 -19.39 17.45
CA GLY A 79 3.71 -20.42 17.34
C GLY A 79 4.60 -20.61 18.55
N SER A 80 5.26 -21.75 18.55
CA SER A 80 6.13 -22.22 19.63
C SER A 80 7.20 -21.24 20.10
N ASP A 81 7.81 -20.52 19.15
CA ASP A 81 8.84 -19.54 19.44
C ASP A 81 8.36 -18.11 19.61
N VAL A 82 7.30 -17.62 18.93
CA VAL A 82 6.88 -16.21 19.03
C VAL A 82 6.52 -15.76 20.43
N SER A 83 6.98 -14.52 20.65
CA SER A 83 6.85 -13.84 21.93
C SER A 83 6.60 -12.35 21.79
N LYS A 84 6.66 -11.82 20.56
CA LYS A 84 6.34 -10.43 20.31
C LYS A 84 4.86 -10.31 20.61
N PHE A 85 4.13 -11.26 20.00
CA PHE A 85 2.70 -11.34 20.11
C PHE A 85 2.19 -12.33 21.16
N THR A 86 1.21 -11.77 21.85
CA THR A 86 0.45 -12.45 22.87
C THR A 86 -0.93 -12.60 22.28
N VAL A 87 -1.60 -13.75 22.47
CA VAL A 87 -2.94 -13.96 21.95
C VAL A 87 -3.88 -12.90 22.51
N GLY A 88 -4.74 -12.34 21.67
CA GLY A 88 -5.58 -11.23 22.07
C GLY A 88 -5.20 -9.95 21.34
N ASP A 89 -3.90 -9.75 21.02
CA ASP A 89 -3.36 -8.59 20.30
C ASP A 89 -3.94 -8.32 18.90
N ILE A 90 -4.51 -7.11 18.68
CA ILE A 90 -4.96 -6.74 17.35
C ILE A 90 -3.72 -6.41 16.52
N VAL A 91 -3.54 -7.23 15.50
CA VAL A 91 -2.40 -7.12 14.61
C VAL A 91 -2.82 -6.90 13.17
N GLY A 92 -1.83 -6.63 12.31
CA GLY A 92 -2.08 -6.36 10.92
C GLY A 92 -1.05 -7.00 10.00
N VAL A 93 -1.46 -7.33 8.77
CA VAL A 93 -0.57 -7.96 7.79
C VAL A 93 -0.61 -7.19 6.46
N GLY A 94 0.58 -6.94 5.91
CA GLY A 94 0.74 -6.20 4.65
C GLY A 94 0.81 -7.10 3.41
N CYS A 95 1.48 -6.55 2.36
CA CYS A 95 1.67 -7.20 1.07
C CYS A 95 2.52 -8.47 1.07
N LEU A 96 3.42 -8.61 2.04
CA LEU A 96 4.28 -9.78 2.08
C LEU A 96 4.12 -10.63 3.35
N VAL A 97 4.39 -11.94 3.22
CA VAL A 97 4.31 -12.93 4.30
C VAL A 97 5.57 -13.80 4.48
N GLY A 98 6.67 -13.51 3.79
CA GLY A 98 7.89 -14.28 3.92
C GLY A 98 9.01 -13.68 3.07
N CYS A 99 10.24 -13.94 3.51
CA CYS A 99 11.47 -13.56 2.80
C CYS A 99 12.57 -14.54 3.19
N CYS A 100 13.71 -14.57 2.47
CA CYS A 100 14.78 -15.55 2.74
C CYS A 100 15.47 -15.41 4.08
N GLY A 101 15.45 -14.21 4.67
CA GLY A 101 16.00 -13.94 6.00
C GLY A 101 17.51 -13.97 6.10
N GLY A 102 18.17 -14.32 4.99
CA GLY A 102 19.61 -14.48 4.96
C GLY A 102 20.30 -13.90 3.74
N CYS A 103 19.80 -12.77 3.24
CA CYS A 103 20.51 -12.04 2.21
C CYS A 103 20.68 -10.62 2.75
N SER A 104 21.51 -9.79 2.11
CA SER A 104 21.81 -8.46 2.63
C SER A 104 20.60 -7.54 2.84
N PRO A 105 19.58 -7.40 1.96
CA PRO A 105 18.31 -6.78 2.28
C PRO A 105 17.58 -7.28 3.53
N CYS A 106 17.59 -8.59 3.80
CA CYS A 106 16.92 -9.16 4.98
C CYS A 106 17.61 -8.91 6.30
N GLU A 107 18.93 -8.76 6.23
CA GLU A 107 19.71 -8.44 7.41
C GLU A 107 19.63 -6.95 7.66
N ARG A 108 19.58 -6.14 6.59
CA ARG A 108 19.48 -4.68 6.70
C ARG A 108 18.10 -4.17 7.13
N ASP A 109 17.07 -5.04 7.23
CA ASP A 109 15.66 -4.76 7.56
C ASP A 109 14.91 -3.95 6.49
N LEU A 110 15.23 -4.45 5.30
CA LEU A 110 14.79 -3.99 4.01
C LEU A 110 14.36 -5.28 3.30
N GLU A 111 13.49 -6.02 3.99
CA GLU A 111 13.04 -7.33 3.52
C GLU A 111 12.10 -7.24 2.33
N GLN A 112 11.49 -6.07 2.09
CA GLN A 112 10.62 -5.90 0.94
C GLN A 112 11.46 -5.93 -0.33
N TYR A 113 12.77 -5.72 -0.18
CA TYR A 113 13.68 -5.76 -1.29
C TYR A 113 14.32 -7.13 -1.53
N CYS A 114 14.04 -8.12 -0.66
CA CYS A 114 14.53 -9.48 -0.81
C CYS A 114 14.11 -10.10 -2.13
N PRO A 115 15.01 -10.75 -2.89
CA PRO A 115 14.70 -11.45 -4.14
C PRO A 115 13.66 -12.55 -4.02
N LYS A 116 13.67 -13.13 -2.82
CA LYS A 116 12.82 -14.24 -2.48
C LYS A 116 11.74 -13.87 -1.46
N LYS A 117 10.98 -12.82 -1.76
CA LYS A 117 9.86 -12.42 -0.92
C LYS A 117 8.62 -13.18 -1.37
N ILE A 118 7.76 -13.56 -0.41
CA ILE A 118 6.53 -14.30 -0.70
C ILE A 118 5.38 -13.36 -0.44
N TRP A 119 4.50 -13.25 -1.42
CA TRP A 119 3.36 -12.35 -1.33
C TRP A 119 2.15 -13.02 -0.74
N SER A 120 1.43 -12.16 -0.02
CA SER A 120 0.19 -12.37 0.71
C SER A 120 -0.74 -13.41 0.11
N TYR A 121 -0.93 -13.26 -1.20
CA TYR A 121 -1.63 -14.22 -2.01
C TYR A 121 -0.97 -14.33 -3.37
N ASN A 122 -1.56 -15.09 -4.28
CA ASN A 122 -1.04 -15.38 -5.61
C ASN A 122 0.40 -15.91 -5.68
N ASP A 123 1.05 -16.17 -4.55
CA ASP A 123 2.39 -16.73 -4.53
C ASP A 123 2.25 -18.16 -3.98
N VAL A 124 3.35 -18.71 -3.42
CA VAL A 124 3.45 -20.03 -2.81
C VAL A 124 4.40 -19.86 -1.62
N TYR A 125 3.97 -20.39 -0.47
CA TYR A 125 4.77 -20.31 0.74
C TYR A 125 5.79 -21.44 0.82
N ILE A 126 6.72 -21.27 1.75
CA ILE A 126 7.81 -22.18 2.06
C ILE A 126 7.42 -23.65 2.26
N ASN A 127 6.15 -23.92 2.59
CA ASN A 127 5.64 -25.27 2.77
C ASN A 127 5.04 -25.88 1.50
N GLY A 128 4.93 -25.08 0.44
CA GLY A 128 4.42 -25.58 -0.83
C GLY A 128 3.00 -25.15 -1.11
N GLN A 129 2.35 -24.55 -0.12
CA GLN A 129 0.98 -24.09 -0.23
C GLN A 129 0.82 -22.75 -0.89
N PRO A 130 -0.09 -22.61 -1.87
CA PRO A 130 -0.55 -21.34 -2.39
C PRO A 130 -0.96 -20.39 -1.29
N THR A 131 -0.38 -19.18 -1.31
CA THR A 131 -0.72 -18.14 -0.33
C THR A 131 -2.11 -17.61 -0.67
N GLN A 132 -2.93 -17.39 0.35
CA GLN A 132 -4.28 -16.84 0.14
C GLN A 132 -4.47 -15.62 1.03
N GLY A 133 -5.21 -14.65 0.49
CA GLY A 133 -5.39 -13.34 1.08
C GLY A 133 -6.11 -13.20 2.41
N GLY A 134 -6.51 -11.95 2.57
CA GLY A 134 -7.18 -11.53 3.77
C GLY A 134 -8.66 -11.41 3.60
N PHE A 135 -9.22 -11.80 2.46
CA PHE A 135 -10.67 -11.84 2.31
C PHE A 135 -11.26 -13.15 2.85
N ALA A 136 -10.69 -13.64 3.96
CA ALA A 136 -11.08 -14.89 4.63
C ALA A 136 -11.30 -14.66 6.11
N LYS A 137 -11.97 -15.59 6.81
CA LYS A 137 -12.16 -15.37 8.23
C LYS A 137 -10.91 -15.59 9.07
N ALA A 138 -9.85 -16.15 8.47
CA ALA A 138 -8.57 -16.25 9.15
C ALA A 138 -7.37 -16.49 8.25
N THR A 139 -6.19 -16.31 8.86
CA THR A 139 -4.92 -16.53 8.21
C THR A 139 -3.86 -16.82 9.27
N VAL A 140 -2.82 -17.53 8.84
CA VAL A 140 -1.66 -17.83 9.67
C VAL A 140 -0.54 -17.09 8.95
N VAL A 141 0.29 -16.30 9.64
CA VAL A 141 1.37 -15.51 9.02
C VAL A 141 2.63 -15.62 9.87
N HIS A 142 3.83 -15.68 9.24
CA HIS A 142 5.09 -15.69 9.97
C HIS A 142 5.15 -14.43 10.81
N GLN A 143 5.61 -14.53 12.07
CA GLN A 143 5.62 -13.39 12.97
C GLN A 143 6.36 -12.16 12.46
N LYS A 144 7.24 -12.36 11.48
CA LYS A 144 8.01 -11.28 10.91
C LYS A 144 7.19 -10.40 9.98
N PHE A 145 5.99 -10.85 9.58
CA PHE A 145 5.17 -10.10 8.66
C PHE A 145 3.78 -9.72 9.18
N VAL A 146 3.78 -9.54 10.50
CA VAL A 146 2.65 -9.15 11.32
C VAL A 146 3.05 -7.88 12.10
N VAL A 147 2.15 -6.90 12.29
CA VAL A 147 2.43 -5.71 13.13
C VAL A 147 1.29 -5.36 14.07
N LYS A 148 1.72 -5.06 15.30
CA LYS A 148 0.81 -4.54 16.29
C LYS A 148 0.31 -3.17 15.85
N ILE A 149 -1.01 -3.15 15.65
CA ILE A 149 -1.76 -1.97 15.28
C ILE A 149 -1.80 -1.12 16.56
N PRO A 150 -1.33 0.13 16.58
CA PRO A 150 -1.32 1.02 17.76
C PRO A 150 -2.66 1.19 18.47
N GLU A 151 -2.58 1.40 19.80
CA GLU A 151 -3.73 1.43 20.69
C GLU A 151 -4.96 2.25 20.35
N GLY A 152 -4.91 3.57 20.26
CA GLY A 152 -6.10 4.35 19.87
C GLY A 152 -6.61 4.03 18.46
N MET A 153 -5.72 3.54 17.58
CA MET A 153 -6.05 3.29 16.19
C MET A 153 -7.10 2.23 15.92
N ALA A 154 -8.08 2.68 15.15
CA ALA A 154 -9.18 1.85 14.67
C ALA A 154 -8.73 0.88 13.60
N VAL A 155 -9.35 -0.30 13.58
CA VAL A 155 -9.00 -1.36 12.64
C VAL A 155 -9.18 -1.00 11.18
N GLU A 156 -10.33 -0.49 10.73
CA GLU A 156 -10.52 -0.10 9.34
C GLU A 156 -9.74 1.15 8.93
N GLN A 157 -9.11 1.77 9.93
CA GLN A 157 -8.31 2.95 9.73
C GLN A 157 -6.90 2.45 9.45
N ALA A 158 -6.34 1.65 10.35
CA ALA A 158 -5.02 1.09 10.11
C ALA A 158 -4.93 0.16 8.91
N ALA A 159 -6.02 -0.19 8.22
CA ALA A 159 -5.90 -1.10 7.09
C ALA A 159 -5.47 -0.47 5.77
N PRO A 160 -5.91 0.70 5.28
CA PRO A 160 -5.27 1.40 4.15
C PRO A 160 -3.80 1.73 4.30
N LEU A 161 -3.50 2.03 5.55
CA LEU A 161 -2.19 2.40 6.04
C LEU A 161 -1.14 1.31 5.98
N LEU A 162 -1.58 0.06 5.83
CA LEU A 162 -0.68 -1.09 5.73
C LEU A 162 -0.11 -1.30 4.35
N CYS A 163 -0.77 -0.66 3.40
CA CYS A 163 -0.39 -0.74 2.02
C CYS A 163 0.04 0.64 1.52
N ALA A 164 -0.88 1.60 1.36
CA ALA A 164 -0.54 2.94 0.88
C ALA A 164 0.25 3.81 1.84
N GLY A 165 0.12 3.51 3.14
CA GLY A 165 0.81 4.22 4.18
C GLY A 165 2.31 4.12 4.01
N VAL A 166 2.86 2.90 4.19
CA VAL A 166 4.29 2.66 4.04
C VAL A 166 4.81 2.85 2.65
N THR A 167 3.99 2.78 1.60
CA THR A 167 4.54 3.00 0.29
C THR A 167 4.98 4.44 0.21
N VAL A 168 4.26 5.36 0.85
CA VAL A 168 4.67 6.76 0.91
C VAL A 168 5.71 6.94 2.01
N TYR A 169 5.44 6.53 3.24
CA TYR A 169 6.38 6.72 4.34
C TYR A 169 7.74 6.08 4.14
N SER A 170 7.87 4.98 3.39
CA SER A 170 9.18 4.37 3.21
C SER A 170 10.15 5.33 2.48
N PRO A 171 9.92 5.94 1.30
CA PRO A 171 10.79 6.94 0.68
C PRO A 171 10.94 8.24 1.43
N LEU A 172 9.81 8.76 1.93
CA LEU A 172 9.80 9.93 2.77
C LEU A 172 10.70 9.78 3.97
N SER A 173 10.97 8.54 4.40
CA SER A 173 11.87 8.29 5.49
C SER A 173 13.27 7.98 4.96
N HIS A 174 13.41 7.24 3.84
CA HIS A 174 14.71 6.83 3.29
C HIS A 174 15.53 7.94 2.64
N PHE A 175 14.85 8.82 1.89
CA PHE A 175 15.52 9.90 1.19
C PHE A 175 15.75 11.15 2.01
N GLY A 176 15.67 10.98 3.34
CA GLY A 176 15.85 12.03 4.34
C GLY A 176 14.78 13.10 4.29
N LEU A 177 13.64 12.80 3.65
CA LEU A 177 12.57 13.77 3.44
C LEU A 177 11.55 13.88 4.59
N LYS A 178 11.92 13.45 5.81
CA LYS A 178 11.04 13.48 6.97
C LYS A 178 11.06 14.86 7.67
N GLN A 179 12.04 15.65 7.25
CA GLN A 179 12.29 17.02 7.69
C GLN A 179 11.12 17.97 7.42
N PRO A 180 10.67 18.79 8.37
CA PRO A 180 9.78 19.93 8.14
C PRO A 180 10.42 20.99 7.29
N GLY A 181 9.53 21.58 6.49
CA GLY A 181 9.93 22.64 5.59
C GLY A 181 9.86 22.24 4.13
N LEU A 182 10.27 21.00 3.78
CA LEU A 182 10.35 20.56 2.39
C LEU A 182 9.17 20.81 1.46
N ARG A 183 9.51 21.05 0.20
CA ARG A 183 8.53 21.30 -0.81
C ARG A 183 8.42 20.09 -1.69
N GLY A 184 7.20 19.60 -1.70
CA GLY A 184 6.94 18.41 -2.48
C GLY A 184 5.75 18.59 -3.37
N GLY A 185 5.92 17.82 -4.43
CA GLY A 185 4.90 17.68 -5.43
C GLY A 185 4.35 16.27 -5.28
N ILE A 186 3.05 16.17 -5.51
CA ILE A 186 2.43 14.86 -5.54
C ILE A 186 1.90 14.77 -6.95
N LEU A 187 2.62 14.06 -7.82
CA LEU A 187 2.11 13.87 -9.17
C LEU A 187 1.33 12.57 -9.19
N GLY A 188 0.02 12.69 -9.35
CA GLY A 188 -0.87 11.53 -9.31
C GLY A 188 -1.61 11.47 -7.99
N LEU A 189 -2.96 11.45 -8.06
CA LEU A 189 -3.82 11.34 -6.88
C LEU A 189 -4.65 10.04 -6.80
N GLY A 190 -3.93 8.93 -6.81
CA GLY A 190 -4.55 7.63 -6.65
C GLY A 190 -4.77 7.35 -5.17
N GLY A 191 -4.23 6.23 -4.74
CA GLY A 191 -4.32 5.85 -3.35
C GLY A 191 -3.05 6.27 -2.62
N VAL A 192 -1.94 6.01 -3.32
CA VAL A 192 -0.63 6.33 -2.82
C VAL A 192 -0.45 7.85 -2.80
N GLY A 193 -1.00 8.53 -3.82
CA GLY A 193 -0.96 9.97 -3.94
C GLY A 193 -1.66 10.64 -2.79
N HIS A 194 -2.89 10.17 -2.52
CA HIS A 194 -3.78 10.61 -1.46
C HIS A 194 -3.13 10.59 -0.08
N MET A 195 -2.42 9.49 0.19
CA MET A 195 -1.64 9.29 1.40
C MET A 195 -0.38 10.14 1.43
N GLY A 196 0.17 10.41 0.24
CA GLY A 196 1.30 11.31 0.06
C GLY A 196 0.96 12.68 0.66
N VAL A 197 -0.16 13.26 0.21
CA VAL A 197 -0.67 14.55 0.68
C VAL A 197 -1.03 14.55 2.17
N LYS A 198 -1.05 13.39 2.84
CA LYS A 198 -1.39 13.33 4.24
C LYS A 198 -0.15 13.19 5.07
N ILE A 199 0.71 12.23 4.73
CA ILE A 199 1.97 12.01 5.42
C ILE A 199 2.94 13.14 5.14
N ALA A 200 2.98 13.71 3.92
CA ALA A 200 3.86 14.85 3.64
C ALA A 200 3.42 16.08 4.42
N LYS A 201 2.14 16.44 4.27
CA LYS A 201 1.55 17.55 4.98
C LYS A 201 1.71 17.38 6.49
N ALA A 202 1.61 16.15 7.00
CA ALA A 202 1.78 15.85 8.41
C ALA A 202 3.22 15.97 8.91
N MET A 203 4.22 15.69 8.04
CA MET A 203 5.63 15.81 8.37
C MET A 203 6.09 17.27 8.40
N GLY A 204 5.19 18.18 7.99
CA GLY A 204 5.43 19.61 7.95
C GLY A 204 5.97 20.07 6.59
N HIS A 205 5.42 19.56 5.48
CA HIS A 205 5.86 19.91 4.12
C HIS A 205 4.89 20.80 3.35
N HIS A 206 5.41 21.58 2.39
CA HIS A 206 4.53 22.34 1.52
C HIS A 206 4.15 21.38 0.40
N VAL A 207 2.86 21.06 0.38
CA VAL A 207 2.41 20.10 -0.60
C VAL A 207 1.61 20.72 -1.72
N THR A 208 2.20 20.56 -2.91
CA THR A 208 1.59 20.98 -4.16
C THR A 208 1.11 19.74 -4.91
N VAL A 209 -0.21 19.64 -5.16
CA VAL A 209 -0.70 18.51 -5.92
C VAL A 209 -0.81 18.90 -7.38
N ILE A 210 -0.16 18.06 -8.18
CA ILE A 210 -0.12 18.26 -9.61
C ILE A 210 -1.04 17.24 -10.26
N SER A 211 -1.81 17.69 -11.25
CA SER A 211 -2.71 16.81 -11.99
C SER A 211 -2.77 17.12 -13.48
N SER A 212 -3.96 17.03 -14.09
CA SER A 212 -4.19 17.26 -15.51
C SER A 212 -5.59 17.79 -15.79
N SER A 213 -6.40 17.88 -14.74
CA SER A 213 -7.76 18.38 -14.81
C SER A 213 -8.19 18.89 -13.44
N ASN A 214 -9.25 19.69 -13.40
CA ASN A 214 -9.74 20.30 -12.18
C ASN A 214 -10.68 19.44 -11.34
N LYS A 215 -10.69 18.13 -11.57
CA LYS A 215 -11.56 17.22 -10.84
C LYS A 215 -11.09 16.95 -9.42
N LYS A 216 -9.77 16.82 -9.27
CA LYS A 216 -9.16 16.57 -7.97
C LYS A 216 -8.84 17.83 -7.17
N ARG A 217 -9.38 19.00 -7.56
CA ARG A 217 -9.19 20.24 -6.82
C ARG A 217 -9.84 20.11 -5.45
N GLU A 218 -11.16 19.84 -5.38
CA GLU A 218 -11.89 19.67 -4.13
C GLU A 218 -11.20 18.60 -3.31
N GLU A 219 -10.83 17.47 -3.93
CA GLU A 219 -10.17 16.39 -3.21
C GLU A 219 -8.83 16.83 -2.65
N ALA A 220 -7.92 17.34 -3.48
CA ALA A 220 -6.59 17.74 -3.04
C ALA A 220 -6.56 18.95 -2.12
N LEU A 221 -7.41 19.93 -2.39
CA LEU A 221 -7.42 21.15 -1.60
C LEU A 221 -8.37 21.11 -0.41
N GLN A 222 -9.60 20.64 -0.57
CA GLN A 222 -10.55 20.56 0.55
C GLN A 222 -10.31 19.30 1.36
N ASP A 223 -10.56 18.13 0.76
CA ASP A 223 -10.45 16.86 1.46
C ASP A 223 -9.05 16.41 1.80
N LEU A 224 -8.00 16.91 1.12
CA LEU A 224 -6.63 16.55 1.44
C LEU A 224 -5.79 17.67 2.05
N GLY A 225 -6.21 18.94 1.86
CA GLY A 225 -5.53 20.08 2.46
C GLY A 225 -4.16 20.39 1.89
N ALA A 226 -4.01 20.10 0.60
CA ALA A 226 -2.81 20.43 -0.13
C ALA A 226 -2.77 21.93 -0.33
N ASP A 227 -1.55 22.44 -0.34
CA ASP A 227 -1.32 23.84 -0.62
C ASP A 227 -1.26 23.89 -2.14
N ASP A 228 -2.30 24.48 -2.72
CA ASP A 228 -2.45 24.64 -4.15
C ASP A 228 -2.30 23.45 -5.10
N TYR A 229 -3.03 23.68 -6.17
CA TYR A 229 -3.18 22.72 -7.21
C TYR A 229 -2.78 23.31 -8.54
N VAL A 230 -1.91 22.57 -9.20
CA VAL A 230 -1.44 22.94 -10.52
C VAL A 230 -1.80 21.88 -11.54
N ILE A 231 -2.28 22.33 -12.70
CA ILE A 231 -2.53 21.42 -13.80
C ILE A 231 -1.16 21.29 -14.45
N GLY A 232 -0.64 20.07 -14.62
CA GLY A 232 0.64 19.83 -15.26
C GLY A 232 0.78 20.48 -16.65
N SER A 233 -0.34 20.92 -17.24
CA SER A 233 -0.38 21.57 -18.54
C SER A 233 -0.56 23.07 -18.51
N ASP A 234 -0.84 23.66 -17.34
CA ASP A 234 -0.94 25.10 -17.22
C ASP A 234 0.45 25.67 -17.02
N GLN A 235 1.09 25.87 -18.18
CA GLN A 235 2.43 26.41 -18.32
C GLN A 235 2.77 27.68 -17.56
N ALA A 236 1.79 28.54 -17.31
CA ALA A 236 1.99 29.74 -16.50
C ALA A 236 2.44 29.34 -15.11
N LYS A 237 1.56 28.70 -14.34
CA LYS A 237 1.88 28.26 -12.98
C LYS A 237 2.91 27.14 -12.90
N MET A 238 3.07 26.37 -13.99
CA MET A 238 4.06 25.33 -14.09
C MET A 238 5.51 25.82 -14.14
N SER A 239 5.67 27.07 -14.59
CA SER A 239 6.97 27.69 -14.70
C SER A 239 7.34 28.56 -13.51
N GLU A 240 6.36 28.93 -12.68
CA GLU A 240 6.62 29.67 -11.45
C GLU A 240 7.15 28.72 -10.37
N LEU A 241 6.88 27.44 -10.61
CA LEU A 241 7.33 26.32 -9.80
C LEU A 241 8.70 25.76 -10.17
N ALA A 242 9.20 26.17 -11.34
CA ALA A 242 10.45 25.74 -11.95
C ALA A 242 11.71 25.38 -11.17
N ASP A 243 11.90 25.70 -9.90
CA ASP A 243 13.07 25.21 -9.19
C ASP A 243 12.78 25.35 -7.71
N SER A 244 11.55 24.99 -7.32
CA SER A 244 11.13 25.12 -5.94
C SER A 244 10.98 23.84 -5.12
N LEU A 245 10.71 22.68 -5.77
CA LEU A 245 10.46 21.40 -5.10
C LEU A 245 11.66 20.53 -4.71
N ASP A 246 11.70 20.08 -3.44
CA ASP A 246 12.71 19.16 -2.91
C ASP A 246 12.57 17.73 -3.41
N TYR A 247 11.34 17.36 -3.82
CA TYR A 247 11.02 16.03 -4.30
C TYR A 247 9.70 15.96 -5.04
N VAL A 248 9.50 14.86 -5.79
CA VAL A 248 8.24 14.53 -6.46
C VAL A 248 7.92 13.03 -6.24
N ILE A 249 6.74 12.75 -5.66
CA ILE A 249 6.22 11.40 -5.55
C ILE A 249 5.39 11.20 -6.81
N ASP A 250 6.06 10.60 -7.80
CA ASP A 250 5.43 10.31 -9.09
C ASP A 250 4.68 9.00 -9.00
N THR A 251 3.37 9.18 -9.11
CA THR A 251 2.41 8.11 -8.90
C THR A 251 1.70 7.61 -10.17
N VAL A 252 1.81 8.28 -11.33
CA VAL A 252 1.10 7.86 -12.54
C VAL A 252 1.61 6.58 -13.20
N PRO A 253 0.72 5.57 -13.35
CA PRO A 253 1.00 4.20 -13.79
C PRO A 253 1.29 3.97 -15.26
N VAL A 254 0.92 5.00 -16.04
CA VAL A 254 1.10 5.01 -17.48
C VAL A 254 2.28 5.91 -17.85
N HIS A 255 2.74 5.74 -19.09
CA HIS A 255 3.86 6.46 -19.66
C HIS A 255 3.60 7.95 -19.75
N HIS A 256 4.56 8.70 -19.24
CA HIS A 256 4.51 10.16 -19.18
C HIS A 256 5.89 10.78 -19.32
N ALA A 257 5.95 12.06 -19.72
CA ALA A 257 7.23 12.74 -19.87
C ALA A 257 7.76 13.15 -18.50
N LEU A 258 8.96 12.68 -18.20
CA LEU A 258 9.52 12.93 -16.89
C LEU A 258 10.11 14.30 -16.69
N GLU A 259 10.62 14.77 -17.82
CA GLU A 259 11.31 16.02 -17.93
C GLU A 259 10.51 17.24 -17.47
N PRO A 260 9.21 17.45 -17.70
CA PRO A 260 8.44 18.55 -17.12
C PRO A 260 8.39 18.55 -15.60
N TYR A 261 8.52 17.36 -15.02
CA TYR A 261 8.38 17.16 -13.59
C TYR A 261 9.71 17.25 -12.88
N LEU A 262 10.75 16.81 -13.61
CA LEU A 262 12.14 17.00 -13.20
C LEU A 262 12.42 18.49 -13.18
N SER A 263 11.79 19.25 -14.10
CA SER A 263 11.90 20.69 -14.19
C SER A 263 11.44 21.45 -12.94
N LEU A 264 10.44 20.98 -12.20
CA LEU A 264 9.99 21.62 -10.97
C LEU A 264 10.96 21.48 -9.80
N LEU A 265 11.80 20.45 -9.90
CA LEU A 265 12.76 20.06 -8.87
C LEU A 265 13.91 21.02 -8.63
N LYS A 266 14.33 21.27 -7.39
CA LYS A 266 15.51 22.10 -7.19
C LYS A 266 16.85 21.35 -7.13
N LEU A 267 17.96 21.92 -6.63
CA LEU A 267 19.26 21.23 -6.60
C LEU A 267 19.08 20.07 -5.68
N ASP A 268 19.59 18.91 -6.10
CA ASP A 268 19.52 17.65 -5.35
C ASP A 268 18.08 17.14 -5.11
N GLY A 269 17.16 17.44 -6.04
CA GLY A 269 15.77 17.04 -5.94
C GLY A 269 15.50 15.64 -6.46
N LYS A 270 14.62 14.90 -5.77
CA LYS A 270 14.32 13.52 -6.16
C LYS A 270 12.97 13.28 -6.80
N LEU A 271 12.97 12.46 -7.86
CA LEU A 271 11.70 12.01 -8.43
C LEU A 271 11.54 10.53 -8.08
N ILE A 272 10.67 10.30 -7.09
CA ILE A 272 10.37 8.97 -6.57
C ILE A 272 9.16 8.43 -7.30
N LEU A 273 9.44 7.47 -8.19
CA LEU A 273 8.46 6.83 -9.06
C LEU A 273 7.80 5.64 -8.40
N MET A 274 6.48 5.52 -8.31
CA MET A 274 5.82 4.41 -7.59
C MET A 274 4.62 3.75 -8.26
N GLY A 275 4.47 4.08 -9.53
CA GLY A 275 3.47 3.49 -10.40
C GLY A 275 4.25 2.70 -11.44
N VAL A 276 3.82 1.49 -11.79
CA VAL A 276 4.59 0.71 -12.74
C VAL A 276 4.22 0.97 -14.20
N ILE A 277 5.14 1.72 -14.81
CA ILE A 277 5.07 2.01 -16.22
C ILE A 277 5.86 0.88 -16.88
N ASN A 278 5.09 0.00 -17.52
CA ASN A 278 5.59 -1.17 -18.24
C ASN A 278 6.39 -0.88 -19.52
N ASN A 279 6.59 0.40 -19.85
CA ASN A 279 7.32 0.88 -21.03
C ASN A 279 8.39 1.89 -20.59
N PRO A 280 9.60 1.96 -21.18
CA PRO A 280 10.73 2.70 -20.63
C PRO A 280 10.59 4.21 -20.68
N LEU A 281 10.52 4.82 -19.49
CA LEU A 281 10.41 6.28 -19.33
C LEU A 281 11.67 7.02 -19.71
N GLN A 282 11.51 8.26 -20.19
CA GLN A 282 12.64 9.08 -20.64
C GLN A 282 13.04 10.24 -19.76
N PHE A 283 14.32 10.59 -19.92
CA PHE A 283 14.92 11.74 -19.29
C PHE A 283 16.09 12.23 -20.13
N LEU A 284 16.17 13.55 -20.22
CA LEU A 284 17.25 14.17 -20.94
C LEU A 284 18.39 14.30 -19.95
N THR A 285 19.46 13.60 -20.27
CA THR A 285 20.62 13.49 -19.39
C THR A 285 21.32 14.78 -18.95
N PRO A 286 21.47 15.88 -19.71
CA PRO A 286 22.10 17.11 -19.22
C PRO A 286 21.40 17.90 -18.11
N LEU A 287 20.12 17.61 -17.84
CA LEU A 287 19.38 18.31 -16.79
C LEU A 287 19.51 17.69 -15.40
N LEU A 288 19.69 16.37 -15.39
CA LEU A 288 20.07 15.68 -14.17
C LEU A 288 21.45 16.20 -13.79
N MET A 289 22.32 16.40 -14.79
CA MET A 289 23.63 17.01 -14.60
C MET A 289 23.54 18.46 -14.15
N LEU A 290 22.54 19.18 -14.70
CA LEU A 290 22.22 20.55 -14.32
C LEU A 290 21.93 20.64 -12.84
N GLY A 291 21.05 19.80 -12.28
CA GLY A 291 20.75 20.01 -10.86
C GLY A 291 21.15 18.95 -9.85
N ARG A 292 21.98 17.96 -10.20
CA ARG A 292 22.33 16.81 -9.35
C ARG A 292 21.09 16.15 -8.76
N LYS A 293 20.17 16.05 -9.70
CA LYS A 293 18.85 15.49 -9.53
C LYS A 293 18.90 13.99 -9.67
N VAL A 294 17.92 13.47 -8.93
CA VAL A 294 17.73 12.05 -8.74
C VAL A 294 16.46 11.55 -9.40
N ILE A 295 16.67 10.43 -10.09
CA ILE A 295 15.56 9.62 -10.57
C ILE A 295 15.68 8.32 -9.79
N THR A 296 14.66 8.03 -8.97
CA THR A 296 14.64 6.83 -8.14
C THR A 296 13.23 6.23 -8.07
N GLY A 297 13.16 5.10 -7.36
CA GLY A 297 11.93 4.40 -7.11
C GLY A 297 11.95 3.72 -5.76
N SER A 298 10.79 3.19 -5.36
CA SER A 298 10.63 2.50 -4.10
C SER A 298 9.46 1.52 -4.17
N PHE A 299 9.78 0.32 -3.69
CA PHE A 299 8.82 -0.77 -3.58
C PHE A 299 8.42 -0.85 -2.11
N ILE A 300 7.13 -0.63 -1.84
CA ILE A 300 6.48 -0.63 -0.52
C ILE A 300 7.38 -0.33 0.68
N GLY A 301 7.11 -0.89 1.86
CA GLY A 301 7.94 -0.69 3.05
C GLY A 301 8.29 -2.00 3.73
N SER A 302 9.29 -1.89 4.60
CA SER A 302 9.69 -3.01 5.43
C SER A 302 8.75 -3.13 6.62
N MET A 303 8.98 -4.05 7.55
CA MET A 303 8.10 -4.13 8.70
C MET A 303 8.48 -3.11 9.78
N LYS A 304 9.76 -2.79 9.96
CA LYS A 304 10.19 -1.74 10.89
C LYS A 304 9.52 -0.42 10.52
N GLU A 305 9.52 -0.07 9.21
CA GLU A 305 8.90 1.13 8.72
C GLU A 305 7.39 1.04 8.85
N THR A 306 6.77 -0.15 8.82
CA THR A 306 5.32 -0.23 8.99
C THR A 306 4.95 0.05 10.44
N GLU A 307 5.79 -0.32 11.42
CA GLU A 307 5.53 0.05 12.80
C GLU A 307 5.55 1.57 12.91
N GLU A 308 6.70 2.12 12.46
CA GLU A 308 7.04 3.54 12.48
C GLU A 308 5.97 4.47 11.94
N MET A 309 5.47 4.06 10.78
CA MET A 309 4.45 4.76 10.04
C MET A 309 3.09 4.82 10.71
N LEU A 310 2.66 3.66 11.25
CA LEU A 310 1.40 3.51 11.98
C LEU A 310 1.46 4.35 13.24
N GLU A 311 2.58 4.23 13.96
CA GLU A 311 2.84 4.99 15.17
C GLU A 311 2.79 6.48 14.88
N PHE A 312 3.41 6.85 13.75
CA PHE A 312 3.42 8.20 13.21
C PHE A 312 2.01 8.68 12.91
N CYS A 313 1.20 7.95 12.12
CA CYS A 313 -0.17 8.38 11.87
C CYS A 313 -1.02 8.49 13.10
N LYS A 314 -0.71 7.77 14.21
CA LYS A 314 -1.49 7.85 15.44
C LYS A 314 -1.14 9.13 16.18
N GLU A 315 0.18 9.39 16.24
CA GLU A 315 0.76 10.58 16.85
C GLU A 315 0.23 11.83 16.13
N LYS A 316 0.26 11.78 14.80
CA LYS A 316 -0.20 12.91 14.01
C LYS A 316 -1.68 12.85 13.70
N GLY A 317 -2.36 11.78 14.13
CA GLY A 317 -3.80 11.61 13.98
C GLY A 317 -4.31 11.61 12.54
N LEU A 318 -3.69 10.87 11.61
CA LEU A 318 -4.17 10.85 10.24
C LEU A 318 -5.47 10.05 10.12
N SER A 319 -6.36 10.52 9.26
CA SER A 319 -7.66 9.89 9.12
C SER A 319 -8.13 9.90 7.68
N SER A 320 -8.03 8.74 7.05
CA SER A 320 -8.53 8.59 5.70
C SER A 320 -10.03 8.32 5.77
N ILE A 321 -10.72 8.60 4.66
CA ILE A 321 -12.17 8.49 4.61
C ILE A 321 -12.53 7.10 4.07
N ILE A 322 -12.54 6.07 4.93
CA ILE A 322 -12.83 4.70 4.45
C ILE A 322 -14.32 4.38 4.40
N GLU A 323 -14.68 3.53 3.46
CA GLU A 323 -16.05 3.10 3.31
C GLU A 323 -16.14 1.59 3.56
N VAL A 324 -16.71 1.22 4.73
CA VAL A 324 -16.82 -0.17 5.19
C VAL A 324 -18.05 -0.92 4.69
N VAL A 325 -17.76 -1.94 3.87
CA VAL A 325 -18.76 -2.80 3.27
C VAL A 325 -18.71 -4.23 3.80
N LYS A 326 -19.79 -5.00 3.62
CA LYS A 326 -19.81 -6.40 4.04
C LYS A 326 -19.31 -7.27 2.89
N MET A 327 -18.81 -8.48 3.17
CA MET A 327 -18.24 -9.36 2.15
C MET A 327 -19.10 -9.76 0.97
N ASP A 328 -20.43 -9.72 1.04
CA ASP A 328 -21.30 -10.02 -0.11
C ASP A 328 -21.37 -8.88 -1.13
N TYR A 329 -20.98 -7.70 -0.63
CA TYR A 329 -20.86 -6.50 -1.42
C TYR A 329 -19.52 -6.49 -2.18
N VAL A 330 -18.48 -7.32 -1.87
CA VAL A 330 -17.17 -7.21 -2.52
C VAL A 330 -17.17 -7.13 -4.04
N ASN A 331 -18.13 -7.72 -4.75
CA ASN A 331 -18.16 -7.62 -6.20
C ASN A 331 -18.64 -6.27 -6.77
N THR A 332 -19.68 -5.70 -6.15
CA THR A 332 -20.11 -4.37 -6.54
C THR A 332 -19.06 -3.39 -6.06
N ALA A 333 -18.48 -3.60 -4.88
CA ALA A 333 -17.35 -2.81 -4.39
C ALA A 333 -16.16 -2.86 -5.36
N PHE A 334 -15.95 -3.98 -6.05
CA PHE A 334 -14.92 -4.06 -7.06
C PHE A 334 -15.31 -3.29 -8.31
N GLU A 335 -16.60 -3.36 -8.69
CA GLU A 335 -17.07 -2.60 -9.84
C GLU A 335 -16.92 -1.08 -9.71
N ARG A 336 -17.24 -0.64 -8.50
CA ARG A 336 -17.12 0.74 -8.09
C ARG A 336 -15.70 1.18 -7.83
N LEU A 337 -14.84 0.35 -7.22
CA LEU A 337 -13.43 0.68 -7.05
C LEU A 337 -12.77 0.78 -8.42
N GLU A 338 -13.25 -0.02 -9.37
CA GLU A 338 -12.82 0.09 -10.75
C GLU A 338 -13.30 1.41 -11.35
N LYS A 339 -14.61 1.74 -11.32
CA LYS A 339 -15.11 3.02 -11.83
C LYS A 339 -14.80 4.23 -10.94
N ASN A 340 -13.91 4.04 -9.95
CA ASN A 340 -13.48 5.02 -8.95
C ASN A 340 -14.60 5.75 -8.19
N ASP A 341 -15.65 4.96 -7.96
CA ASP A 341 -16.90 5.33 -7.28
C ASP A 341 -16.81 5.24 -5.75
N VAL A 342 -15.64 4.95 -5.17
CA VAL A 342 -15.51 4.91 -3.71
C VAL A 342 -15.12 6.27 -3.13
N ARG A 343 -15.72 6.64 -1.99
CA ARG A 343 -15.32 7.84 -1.25
C ARG A 343 -14.10 7.49 -0.43
N TYR A 344 -13.08 7.51 -1.28
CA TYR A 344 -11.66 7.23 -1.15
C TYR A 344 -11.33 5.79 -0.87
N ARG A 345 -11.40 5.22 0.33
CA ARG A 345 -11.03 3.82 0.46
C ARG A 345 -12.20 2.92 0.85
N PHE A 346 -11.99 1.62 0.55
CA PHE A 346 -12.90 0.53 0.90
C PHE A 346 -12.23 -0.36 1.92
N VAL A 347 -13.08 -0.79 2.85
CA VAL A 347 -12.66 -1.74 3.87
C VAL A 347 -13.81 -2.72 3.98
N VAL A 348 -13.47 -4.01 3.82
CA VAL A 348 -14.43 -5.09 4.03
C VAL A 348 -14.38 -5.51 5.50
N ASP A 349 -15.56 -5.49 6.09
CA ASP A 349 -15.75 -5.95 7.43
C ASP A 349 -15.81 -7.45 7.31
N VAL A 350 -14.77 -8.13 7.80
CA VAL A 350 -14.76 -9.58 7.71
C VAL A 350 -15.46 -10.23 8.91
N GLU A 351 -15.65 -9.52 10.02
CA GLU A 351 -16.58 -10.01 11.03
C GLU A 351 -18.05 -9.82 10.56
N GLY A 352 -18.27 -9.65 9.25
CA GLY A 352 -19.58 -9.63 8.59
C GLY A 352 -19.45 -10.80 7.61
N SER A 353 -19.43 -11.93 8.32
CA SER A 353 -19.07 -13.29 7.89
C SER A 353 -19.80 -14.11 6.83
N ASN A 354 -18.97 -15.06 6.39
CA ASN A 354 -19.17 -15.97 5.26
C ASN A 354 -19.17 -17.48 5.51
N LEU A 355 -19.67 -17.93 6.68
CA LEU A 355 -19.66 -19.34 7.12
C LEU A 355 -20.17 -20.36 6.10
N ASP A 356 -19.15 -21.12 5.69
CA ASP A 356 -19.22 -22.09 4.61
C ASP A 356 -18.20 -23.19 4.90
N ALA A 357 -18.61 -24.24 5.65
CA ALA A 357 -17.73 -25.34 6.04
C ALA A 357 -17.39 -26.37 4.97
#